data_6KMJ
#
_entry.id   6KMJ
#
_cell.length_a   23.943
_cell.length_b   61.933
_cell.length_c   153.151
_cell.angle_alpha   90.000
_cell.angle_beta   90.000
_cell.angle_gamma   90.000
#
_symmetry.space_group_name_H-M   'C 2 2 21'
#
loop_
_entity.id
_entity.type
_entity.pdbx_description
1 polymer 'Nuclear protein STH1/NPS1'
2 polymer 'Histone H3'
3 non-polymer GLYCEROL
4 water water
#
loop_
_entity_poly.entity_id
_entity_poly.type
_entity_poly.pdbx_seq_one_letter_code
_entity_poly.pdbx_strand_id
1 'polypeptide(L)'
;SLGIFPTVEKLVEEMREQLDEVDSHPRTSIFEKLPSKRDYPDYFKVIEKPMAIDIILKNCKNGTYKTLEEVRQALQTMFE
NARFYNEEGSWVYVDADKLNEFTDEWFKEHSS
;
A
2 'polypeptide(L)' TARKSTGG(ALY)APRKQLAY C
#
loop_
_chem_comp.id
_chem_comp.type
_chem_comp.name
_chem_comp.formula
GOL non-polymer GLYCEROL 'C3 H8 O3'
#
# COMPACT_ATOMS: atom_id res chain seq x y z
N SER A 1 2.54 -16.69 -19.92
CA SER A 1 1.36 -16.76 -19.05
C SER A 1 1.29 -15.57 -18.08
N LEU A 2 0.08 -15.23 -17.64
CA LEU A 2 -0.11 -14.11 -16.73
C LEU A 2 -0.19 -14.55 -15.27
N GLY A 3 -0.13 -15.87 -14.99
CA GLY A 3 -0.12 -16.33 -13.61
C GLY A 3 -1.35 -15.85 -12.85
N ILE A 4 -1.13 -15.24 -11.67
CA ILE A 4 -2.22 -14.69 -10.87
C ILE A 4 -2.48 -13.22 -11.16
N PHE A 5 -1.82 -12.66 -12.17
CA PHE A 5 -2.03 -11.26 -12.47
C PHE A 5 -3.50 -10.89 -12.68
N PRO A 6 -4.30 -11.61 -13.46
CA PRO A 6 -5.69 -11.16 -13.66
C PRO A 6 -6.46 -10.99 -12.35
N THR A 7 -6.31 -11.94 -11.43
CA THR A 7 -7.01 -11.87 -10.14
C THR A 7 -6.49 -10.73 -9.28
N VAL A 8 -5.18 -10.51 -9.26
CA VAL A 8 -4.63 -9.42 -8.45
C VAL A 8 -4.94 -8.07 -9.07
N GLU A 9 -4.96 -7.97 -10.40
CA GLU A 9 -5.36 -6.73 -11.03
C GLU A 9 -6.79 -6.36 -10.63
N LYS A 10 -7.68 -7.35 -10.56
CA LYS A 10 -9.02 -7.08 -10.08
C LYS A 10 -9.03 -6.59 -8.64
N LEU A 11 -8.24 -7.23 -7.76
CA LEU A 11 -8.10 -6.75 -6.39
C LEU A 11 -7.63 -5.32 -6.35
N VAL A 12 -6.61 -4.99 -7.15
CA VAL A 12 -6.09 -3.64 -7.12
C VAL A 12 -7.13 -2.63 -7.59
N GLU A 13 -7.92 -2.98 -8.63
CA GLU A 13 -8.97 -2.06 -9.05
C GLU A 13 -9.98 -1.85 -7.94
N GLU A 14 -10.34 -2.91 -7.23
CA GLU A 14 -11.27 -2.74 -6.10
C GLU A 14 -10.69 -1.85 -5.02
N MET A 15 -9.39 -2.00 -4.75
CA MET A 15 -8.74 -1.15 -3.77
C MET A 15 -8.78 0.31 -4.20
N ARG A 16 -8.51 0.58 -5.50
CA ARG A 16 -8.53 1.93 -6.06
C ARG A 16 -9.90 2.59 -5.99
N GLU A 17 -10.95 1.82 -5.87
CA GLU A 17 -12.30 2.32 -5.72
C GLU A 17 -12.68 2.63 -4.28
N GLN A 18 -11.78 2.43 -3.33
CA GLN A 18 -12.01 2.80 -1.94
C GLN A 18 -11.57 4.24 -1.78
N LEU A 19 -12.52 5.14 -1.62
CA LEU A 19 -12.24 6.57 -1.68
C LEU A 19 -12.45 7.17 -0.31
N ASP A 20 -11.68 8.20 0.00
CA ASP A 20 -11.92 8.92 1.25
C ASP A 20 -13.27 9.59 1.23
N GLU A 21 -13.95 9.57 2.39
CA GLU A 21 -15.31 10.12 2.46
C GLU A 21 -15.36 11.63 2.31
N VAL A 22 -14.29 12.33 2.69
CA VAL A 22 -14.32 13.78 2.66
C VAL A 22 -13.84 14.33 1.34
N ASP A 23 -12.65 13.95 0.88
CA ASP A 23 -12.09 14.54 -0.33
C ASP A 23 -12.03 13.61 -1.53
N SER A 24 -12.55 12.39 -1.40
CA SER A 24 -12.67 11.45 -2.51
C SER A 24 -11.35 10.97 -3.07
N HIS A 25 -10.22 11.18 -2.39
CA HIS A 25 -8.97 10.63 -2.92
C HIS A 25 -8.97 9.11 -2.80
N PRO A 26 -8.51 8.38 -3.82
CA PRO A 26 -8.41 6.92 -3.66
C PRO A 26 -7.42 6.60 -2.56
N ARG A 27 -7.80 5.66 -1.69
CA ARG A 27 -6.92 5.31 -0.55
C ARG A 27 -5.63 4.64 -1.02
N THR A 28 -5.61 4.11 -2.25
CA THR A 28 -4.42 3.55 -2.86
C THR A 28 -3.39 4.61 -3.25
N SER A 29 -3.74 5.90 -3.33
CA SER A 29 -2.89 6.89 -3.98
C SER A 29 -1.44 6.84 -3.52
N ILE A 30 -1.22 6.91 -2.22
CA ILE A 30 0.15 7.01 -1.67
C ILE A 30 0.91 5.70 -1.76
N PHE A 31 0.24 4.59 -2.10
CA PHE A 31 0.85 3.27 -2.17
C PHE A 31 1.13 2.84 -3.60
N GLU A 32 0.79 3.66 -4.61
CA GLU A 32 0.94 3.23 -6.01
C GLU A 32 2.39 2.95 -6.36
N LYS A 33 3.30 3.79 -5.87
CA LYS A 33 4.73 3.62 -6.16
C LYS A 33 5.48 3.85 -4.86
N LEU A 34 6.74 3.40 -4.85
CA LEU A 34 7.56 3.67 -3.66
C LEU A 34 7.77 5.16 -3.46
N PRO A 35 8.03 5.59 -2.24
CA PRO A 35 8.46 6.98 -2.01
C PRO A 35 9.71 7.22 -2.83
N SER A 36 9.81 8.43 -3.31
CA SER A 36 11.00 8.87 -3.99
C SER A 36 12.21 8.81 -3.05
N LYS A 37 13.26 8.14 -3.48
CA LYS A 37 14.49 8.14 -2.72
C LYS A 37 15.14 9.51 -2.71
N ARG A 38 14.82 10.37 -3.70
CA ARG A 38 15.32 11.75 -3.71
C ARG A 38 14.63 12.56 -2.60
N ASP A 39 13.32 12.40 -2.44
CA ASP A 39 12.53 13.18 -1.50
C ASP A 39 12.63 12.65 -0.08
N TYR A 40 12.65 11.31 0.08
CA TYR A 40 12.63 10.67 1.40
C TYR A 40 13.78 9.66 1.49
N PRO A 41 15.02 10.10 1.36
CA PRO A 41 16.12 9.11 1.39
C PRO A 41 16.17 8.30 2.66
N ASP A 42 15.78 8.91 3.77
CA ASP A 42 15.86 8.19 5.04
C ASP A 42 14.79 7.10 5.17
N TYR A 43 13.72 7.17 4.37
CA TYR A 43 12.72 6.10 4.36
C TYR A 43 13.41 4.78 4.05
N PHE A 44 14.36 4.80 3.13
CA PHE A 44 15.04 3.58 2.70
C PHE A 44 16.07 3.06 3.68
N LYS A 45 16.37 3.83 4.71
CA LYS A 45 17.25 3.36 5.73
C LYS A 45 16.49 2.83 6.92
N VAL A 46 15.23 3.20 7.09
CA VAL A 46 14.46 2.68 8.22
C VAL A 46 13.51 1.56 7.82
N ILE A 47 13.07 1.52 6.58
CA ILE A 47 12.15 0.49 6.13
C ILE A 47 12.98 -0.62 5.52
N GLU A 48 12.92 -1.79 6.10
CA GLU A 48 13.78 -2.89 5.66
C GLU A 48 13.29 -3.48 4.34
N LYS A 49 12.00 -3.63 4.18
CA LYS A 49 11.51 -4.16 2.90
C LYS A 49 10.45 -3.24 2.28
N PRO A 50 10.85 -2.33 1.40
CA PRO A 50 9.90 -1.45 0.75
C PRO A 50 8.93 -2.24 -0.15
N MET A 51 7.71 -1.76 -0.24
CA MET A 51 6.73 -2.45 -1.11
C MET A 51 5.69 -1.42 -1.57
N ALA A 52 5.18 -1.59 -2.77
CA ALA A 52 4.16 -0.68 -3.34
C ALA A 52 3.31 -1.48 -4.32
N ILE A 53 2.19 -0.93 -4.71
CA ILE A 53 1.26 -1.63 -5.64
C ILE A 53 1.90 -1.91 -7.00
N ASP A 54 2.71 -0.99 -7.53
CA ASP A 54 3.37 -1.22 -8.83
C ASP A 54 4.29 -2.44 -8.77
N ILE A 55 4.99 -2.59 -7.67
CA ILE A 55 5.89 -3.75 -7.47
C ILE A 55 5.06 -5.04 -7.35
N ILE A 56 3.97 -5.00 -6.63
CA ILE A 56 3.13 -6.22 -6.51
C ILE A 56 2.62 -6.62 -7.89
N LEU A 57 2.14 -5.66 -8.66
CA LEU A 57 1.62 -5.99 -10.01
C LEU A 57 2.73 -6.51 -10.93
N LYS A 58 3.88 -5.88 -10.89
CA LYS A 58 5.03 -6.35 -11.73
C LYS A 58 5.43 -7.75 -11.29
N ASN A 59 5.44 -8.01 -9.99
CA ASN A 59 5.82 -9.34 -9.45
C ASN A 59 4.84 -10.43 -9.92
N CYS A 60 3.55 -10.11 -10.00
CA CYS A 60 2.56 -11.07 -10.52
C CYS A 60 2.81 -11.32 -12.02
N LYS A 61 3.14 -10.30 -12.79
CA LYS A 61 3.42 -10.50 -14.24
C LYS A 61 4.73 -11.26 -14.48
N ASN A 62 5.72 -11.12 -13.63
CA ASN A 62 7.01 -11.71 -13.94
C ASN A 62 7.23 -13.03 -13.21
N GLY A 63 6.22 -13.50 -12.50
CA GLY A 63 6.27 -14.79 -11.87
C GLY A 63 6.90 -14.81 -10.49
N THR A 64 7.28 -13.65 -9.98
CA THR A 64 7.87 -13.62 -8.65
C THR A 64 6.82 -13.96 -7.61
N TYR A 65 5.59 -13.48 -7.80
CA TYR A 65 4.46 -13.89 -6.97
C TYR A 65 3.58 -14.76 -7.85
N LYS A 66 3.47 -16.04 -7.46
CA LYS A 66 2.67 -17.04 -8.13
C LYS A 66 1.45 -17.44 -7.33
N THR A 67 1.34 -17.03 -6.07
CA THR A 67 0.26 -17.44 -5.20
C THR A 67 -0.34 -16.21 -4.54
N LEU A 68 -1.62 -16.33 -4.20
CA LEU A 68 -2.23 -15.29 -3.39
C LEU A 68 -1.57 -15.15 -2.04
N GLU A 69 -1.04 -16.24 -1.48
CA GLU A 69 -0.34 -16.15 -0.20
C GLU A 69 0.82 -15.16 -0.28
N GLU A 70 1.58 -15.19 -1.36
CA GLU A 70 2.68 -14.27 -1.52
C GLU A 70 2.21 -12.83 -1.60
N VAL A 71 1.11 -12.58 -2.32
CA VAL A 71 0.58 -11.24 -2.43
C VAL A 71 0.08 -10.75 -1.08
N ARG A 72 -0.55 -11.64 -0.31
CA ARG A 72 -1.02 -11.33 1.03
C ARG A 72 0.14 -10.80 1.88
N GLN A 73 1.26 -11.51 1.85
CA GLN A 73 2.41 -11.07 2.66
C GLN A 73 2.97 -9.76 2.12
N ALA A 74 3.01 -9.57 0.81
CA ALA A 74 3.51 -8.31 0.28
C ALA A 74 2.64 -7.13 0.73
N LEU A 75 1.31 -7.32 0.73
CA LEU A 75 0.44 -6.25 1.20
C LEU A 75 0.60 -6.03 2.69
N GLN A 76 0.76 -7.10 3.44
CA GLN A 76 0.96 -6.95 4.88
C GLN A 76 2.18 -6.12 5.16
N THR A 77 3.27 -6.41 4.46
CA THR A 77 4.48 -5.60 4.62
C THR A 77 4.25 -4.15 4.23
N MET A 78 3.57 -3.91 3.11
CA MET A 78 3.32 -2.55 2.68
C MET A 78 2.56 -1.77 3.75
N PHE A 79 1.53 -2.37 4.33
CA PHE A 79 0.74 -1.67 5.34
C PHE A 79 1.53 -1.51 6.64
N GLU A 80 2.33 -2.50 7.01
CA GLU A 80 3.15 -2.37 8.21
C GLU A 80 4.16 -1.26 8.04
N ASN A 81 4.73 -1.10 6.85
CA ASN A 81 5.68 -0.02 6.62
C ASN A 81 5.00 1.32 6.82
N ALA A 82 3.76 1.43 6.35
CA ALA A 82 3.08 2.72 6.48
C ALA A 82 2.70 3.02 7.92
N ARG A 83 2.29 2.01 8.69
CA ARG A 83 1.96 2.23 10.08
C ARG A 83 3.20 2.52 10.91
N PHE A 84 4.35 1.98 10.53
CA PHE A 84 5.55 2.33 11.24
C PHE A 84 6.00 3.76 10.93
N TYR A 85 5.96 4.16 9.66
CA TYR A 85 6.62 5.39 9.24
C TYR A 85 5.80 6.63 9.52
N ASN A 86 4.48 6.57 9.41
CA ASN A 86 3.60 7.73 9.44
C ASN A 86 2.88 7.90 10.77
N GLU A 87 2.60 9.16 11.12
CA GLU A 87 1.89 9.44 12.37
C GLU A 87 0.54 8.74 12.45
N GLU A 88 0.20 8.20 13.63
CA GLU A 88 -1.11 7.61 13.80
C GLU A 88 -2.13 8.70 13.55
N GLY A 89 -3.20 8.35 12.82
CA GLY A 89 -4.25 9.30 12.48
C GLY A 89 -3.96 10.18 11.28
N SER A 90 -2.76 10.14 10.74
CA SER A 90 -2.49 10.87 9.50
C SER A 90 -3.20 10.23 8.33
N TRP A 91 -3.30 10.97 7.25
CA TRP A 91 -4.03 10.46 6.09
C TRP A 91 -3.39 9.17 5.58
N VAL A 92 -2.04 9.05 5.64
CA VAL A 92 -1.37 7.87 5.09
C VAL A 92 -1.67 6.68 5.98
N TYR A 93 -1.62 6.91 7.29
CA TYR A 93 -1.84 5.84 8.26
C TYR A 93 -3.28 5.36 8.17
N VAL A 94 -4.24 6.28 8.07
CA VAL A 94 -5.63 5.86 8.00
C VAL A 94 -5.88 5.10 6.71
N ASP A 95 -5.32 5.59 5.59
CA ASP A 95 -5.48 4.88 4.32
C ASP A 95 -4.93 3.46 4.40
N ALA A 96 -3.79 3.28 5.09
CA ALA A 96 -3.23 1.94 5.24
C ALA A 96 -4.20 1.07 6.00
N ASP A 97 -4.73 1.56 7.13
CA ASP A 97 -5.62 0.72 7.93
C ASP A 97 -6.91 0.41 7.20
N LYS A 98 -7.50 1.38 6.52
CA LYS A 98 -8.75 1.12 5.81
C LYS A 98 -8.55 0.13 4.67
N LEU A 99 -7.47 0.31 3.88
CA LEU A 99 -7.18 -0.65 2.82
C LEU A 99 -6.88 -2.01 3.39
N ASN A 100 -6.16 -2.12 4.51
CA ASN A 100 -5.83 -3.42 5.10
C ASN A 100 -7.11 -4.12 5.53
N GLU A 101 -8.09 -3.38 6.05
CA GLU A 101 -9.32 -4.05 6.43
C GLU A 101 -10.04 -4.59 5.20
N PHE A 102 -10.05 -3.82 4.11
CA PHE A 102 -10.63 -4.23 2.83
C PHE A 102 -9.89 -5.45 2.29
N THR A 103 -8.56 -5.42 2.20
CA THR A 103 -7.88 -6.58 1.65
C THR A 103 -8.03 -7.81 2.51
N ASP A 104 -8.11 -7.66 3.83
CA ASP A 104 -8.35 -8.81 4.69
C ASP A 104 -9.67 -9.49 4.32
N GLU A 105 -10.73 -8.70 4.11
CA GLU A 105 -12.01 -9.26 3.69
C GLU A 105 -11.89 -9.97 2.35
N TRP A 106 -11.14 -9.39 1.40
CA TRP A 106 -11.01 -10.00 0.08
C TRP A 106 -10.27 -11.33 0.17
N PHE A 107 -9.19 -11.38 0.96
CA PHE A 107 -8.46 -12.62 1.09
C PHE A 107 -9.32 -13.68 1.78
N LYS A 108 -10.15 -13.26 2.74
CA LYS A 108 -11.05 -14.22 3.36
C LYS A 108 -11.97 -14.89 2.33
N GLU A 109 -12.55 -14.08 1.45
CA GLU A 109 -13.44 -14.63 0.42
C GLU A 109 -12.69 -15.55 -0.53
N HIS A 110 -11.43 -15.23 -0.84
CA HIS A 110 -10.62 -16.04 -1.74
C HIS A 110 -9.95 -17.21 -1.06
N SER A 111 -10.25 -17.43 0.20
CA SER A 111 -9.74 -18.56 0.98
C SER A 111 -10.89 -19.37 1.54
N SER A 112 -12.11 -19.12 1.10
CA SER A 112 -13.29 -19.67 1.73
C SER A 112 -13.59 -21.09 1.30
N THR B 1 -9.38 10.23 6.11
CA THR B 1 -9.13 11.65 6.38
C THR B 1 -8.53 12.29 5.17
N ALA B 2 -8.79 13.58 5.01
CA ALA B 2 -8.35 14.30 3.82
C ALA B 2 -6.85 14.22 3.64
N ARG B 3 -6.43 14.11 2.38
CA ARG B 3 -5.00 14.11 2.04
C ARG B 3 -4.37 15.44 2.45
N LYS B 4 -3.12 15.37 2.92
CA LYS B 4 -2.29 16.56 3.09
C LYS B 4 -2.28 17.39 1.81
N SER B 5 -2.36 18.70 1.94
CA SER B 5 -2.61 19.53 0.74
C SER B 5 -1.54 19.38 -0.34
N THR B 6 -0.27 19.22 0.04
CA THR B 6 0.82 19.03 -0.94
C THR B 6 0.96 17.60 -1.38
N GLY B 7 0.20 16.68 -0.80
CA GLY B 7 0.34 15.27 -1.10
C GLY B 7 1.47 14.58 -0.38
N GLY B 8 2.20 15.24 0.50
CA GLY B 8 3.29 14.60 1.21
C GLY B 8 2.92 13.51 2.19
OH ALY B 9 4.71 5.72 3.96
CH ALY B 9 4.50 5.99 2.77
CH3 ALY B 9 3.54 5.20 1.96
NZ ALY B 9 5.11 7.03 2.20
CE ALY B 9 6.03 7.84 2.93
CD ALY B 9 6.37 9.14 2.21
CG ALY B 9 5.21 10.11 2.16
CB ALY B 9 5.07 10.78 3.54
CA ALY B 9 3.84 11.72 3.58
N ALY B 9 3.92 12.71 2.51
C ALY B 9 3.66 12.42 4.92
O ALY B 9 3.75 13.64 5.06
N ALA B 10 3.45 11.63 5.97
CA ALA B 10 3.31 12.18 7.31
C ALA B 10 4.23 11.47 8.31
N PRO B 11 5.54 11.55 8.05
CA PRO B 11 6.47 10.84 8.94
C PRO B 11 6.30 11.25 10.40
N ARG B 12 6.46 10.24 11.28
CA ARG B 12 6.65 10.57 12.68
C ARG B 12 7.86 11.49 12.80
N LYS B 13 7.77 12.46 13.73
CA LYS B 13 8.81 13.48 13.80
C LYS B 13 10.21 12.91 13.95
N GLN B 14 10.39 11.87 14.76
CA GLN B 14 11.73 11.36 14.90
C GLN B 14 12.28 10.80 13.61
N LEU B 15 11.37 10.39 12.68
CA LEU B 15 11.84 9.82 11.42
C LEU B 15 12.12 10.89 10.38
N ALA B 16 11.86 12.17 10.69
CA ALA B 16 12.17 13.29 9.82
C ALA B 16 13.60 13.76 10.03
N TYR B 17 14.31 13.19 10.98
CA TYR B 17 15.72 13.49 11.14
C TYR B 17 16.59 12.67 10.19
C1 GOL C . 10.38 -2.13 8.07
O1 GOL C . 11.67 -2.27 8.39
C2 GOL C . 9.82 -2.08 9.44
O2 GOL C . 10.62 -1.22 10.24
C3 GOL C . 8.30 -1.64 9.29
O3 GOL C . 7.62 -2.50 8.48
#